data_5FSM
#
_entry.id   5FSM
#
_cell.length_a   60.213
_cell.length_b   66.199
_cell.length_c   36.312
_cell.angle_alpha   90.00
_cell.angle_beta   90.00
_cell.angle_gamma   90.00
#
_symmetry.space_group_name_H-M   'P 21 21 2'
#
loop_
_entity.id
_entity.type
_entity.pdbx_description
1 polymer '7,8-DIHYDRO-8-OXOGUANINE TRIPHOSPHATASE'
2 non-polymer 'ACETATE ION'
3 non-polymer N-(1-METHYLBENZIMIDAZOL-5-YL)ACETAMIDE
4 non-polymer 'DIMETHYL SULFOXIDE'
5 water water
#
_entity_poly.entity_id   1
_entity_poly.type   'polypeptide(L)'
_entity_poly.pdbx_seq_one_letter_code
;MGASRLYTLVLVLQPQRVLLGMKKRGFGAGRWNGFGGKVQEGETIEDGARRELQEESGLTVDALHKVGQIVFEFVGEPEL
MDVHVFCTDSIQGTPVESDEMRPCWFQLDQIPFKDMWPDDSYWFPLLLQKKKFHGYFKFQGQDTILDYTLREVDTV
;
_entity_poly.pdbx_strand_id   A
#
loop_
_chem_comp.id
_chem_comp.type
_chem_comp.name
_chem_comp.formula
ACT non-polymer 'ACETATE ION' 'C2 H3 O2 -1'
DMS non-polymer 'DIMETHYL SULFOXIDE' 'C2 H6 O S'
N91 non-polymer N-(1-METHYLBENZIMIDAZOL-5-YL)ACETAMIDE 'C10 H11 N3 O'
#
# COMPACT_ATOMS: atom_id res chain seq x y z
N ALA A 3 -3.73 20.32 5.13
CA ALA A 3 -4.28 19.34 6.07
C ALA A 3 -4.04 17.92 5.57
N SER A 4 -2.79 17.43 5.69
CA SER A 4 -2.49 16.07 5.25
C SER A 4 -1.66 15.33 6.28
N ARG A 5 -1.82 14.00 6.33
CA ARG A 5 -1.08 13.15 7.26
C ARG A 5 -0.32 12.12 6.45
N LEU A 6 0.95 11.89 6.82
CA LEU A 6 1.79 10.93 6.11
C LEU A 6 1.45 9.51 6.42
N TYR A 7 1.45 8.68 5.37
CA TYR A 7 1.31 7.23 5.52
C TYR A 7 2.27 6.56 4.53
N THR A 8 2.59 5.30 4.80
CA THR A 8 3.42 4.50 3.91
C THR A 8 2.60 3.32 3.43
N LEU A 9 3.01 2.72 2.30
CA LEU A 9 2.38 1.51 1.76
C LEU A 9 3.45 0.78 1.01
N VAL A 10 3.70 -0.46 1.39
CA VAL A 10 4.78 -1.28 0.83
C VAL A 10 4.19 -2.48 0.13
N LEU A 11 4.58 -2.67 -1.13
CA LEU A 11 4.18 -3.83 -1.92
C LEU A 11 5.41 -4.72 -2.11
N VAL A 12 5.35 -5.96 -1.62
CA VAL A 12 6.45 -6.92 -1.80
C VAL A 12 6.07 -7.61 -3.13
N LEU A 13 6.72 -7.16 -4.20
CA LEU A 13 6.41 -7.57 -5.55
C LEU A 13 7.60 -8.28 -6.16
N GLN A 14 7.41 -9.57 -6.41
CA GLN A 14 8.42 -10.46 -6.94
C GLN A 14 8.03 -10.76 -8.39
N PRO A 15 8.87 -11.38 -9.24
CA PRO A 15 8.52 -11.47 -10.66
C PRO A 15 7.18 -12.11 -10.98
N GLN A 16 6.74 -13.15 -10.21
CA GLN A 16 5.46 -13.79 -10.55
C GLN A 16 4.37 -13.62 -9.50
N ARG A 17 4.68 -12.94 -8.40
CA ARG A 17 3.70 -12.85 -7.31
C ARG A 17 3.88 -11.59 -6.47
N VAL A 18 2.81 -11.25 -5.75
CA VAL A 18 2.79 -10.10 -4.85
C VAL A 18 2.24 -10.55 -3.50
N LEU A 19 2.78 -10.02 -2.41
CA LEU A 19 2.30 -10.32 -1.04
C LEU A 19 1.28 -9.28 -0.61
N LEU A 20 0.13 -9.73 -0.14
CA LEU A 20 -0.90 -8.84 0.36
C LEU A 20 -1.33 -9.40 1.70
N GLY A 21 -1.90 -8.52 2.53
CA GLY A 21 -2.35 -8.93 3.85
C GLY A 21 -3.79 -8.57 4.06
N MET A 22 -4.58 -9.56 4.52
CA MET A 22 -5.99 -9.35 4.84
C MET A 22 -6.01 -8.68 6.23
N LYS A 23 -6.49 -7.43 6.28
CA LYS A 23 -6.55 -6.64 7.51
C LYS A 23 -7.72 -7.09 8.36
N LYS A 24 -7.46 -7.42 9.63
CA LYS A 24 -8.49 -7.99 10.48
C LYS A 24 -9.42 -6.93 11.14
N ARG A 25 -8.90 -5.77 11.51
CA ARG A 25 -9.73 -4.71 12.13
C ARG A 25 -9.25 -3.32 11.74
N GLY A 26 -9.98 -2.28 12.15
CA GLY A 26 -9.60 -0.90 11.87
C GLY A 26 -9.91 -0.48 10.45
N PHE A 27 -9.21 0.56 9.96
CA PHE A 27 -9.44 1.14 8.64
C PHE A 27 -9.00 0.23 7.52
N GLY A 28 -9.96 -0.22 6.71
CA GLY A 28 -9.65 -1.11 5.61
C GLY A 28 -9.80 -2.58 5.97
N ALA A 29 -10.32 -2.88 7.19
CA ALA A 29 -10.55 -4.29 7.60
C ALA A 29 -11.39 -5.02 6.56
N GLY A 30 -11.08 -6.29 6.34
CA GLY A 30 -11.80 -7.12 5.38
C GLY A 30 -11.31 -6.98 3.95
N ARG A 31 -10.25 -6.16 3.72
CA ARG A 31 -9.68 -6.02 2.39
C ARG A 31 -8.21 -6.46 2.39
N TRP A 32 -7.71 -6.96 1.23
CA TRP A 32 -6.30 -7.27 1.05
C TRP A 32 -5.61 -5.94 0.77
N ASN A 33 -4.56 -5.65 1.52
CA ASN A 33 -3.80 -4.41 1.37
C ASN A 33 -2.29 -4.71 1.36
N GLY A 34 -1.51 -3.72 0.93
CA GLY A 34 -0.07 -3.75 1.12
C GLY A 34 0.15 -3.42 2.59
N PHE A 35 1.40 -3.24 3.02
CA PHE A 35 1.71 -3.02 4.44
C PHE A 35 2.17 -1.61 4.71
N GLY A 36 1.61 -0.98 5.74
CA GLY A 36 1.97 0.40 5.98
C GLY A 36 1.27 0.98 7.18
N GLY A 37 1.49 2.28 7.37
CA GLY A 37 0.87 3.01 8.48
C GLY A 37 1.42 4.41 8.59
N LYS A 38 1.14 5.03 9.72
CA LYS A 38 1.58 6.38 9.98
C LYS A 38 3.10 6.46 10.18
N VAL A 39 3.65 7.63 9.86
CA VAL A 39 5.08 7.89 10.00
C VAL A 39 5.29 8.62 11.35
N GLN A 40 6.31 8.23 12.10
CA GLN A 40 6.53 8.80 13.43
C GLN A 40 7.25 10.11 13.39
N GLU A 41 7.11 10.88 14.45
CA GLU A 41 7.85 12.13 14.62
C GLU A 41 9.37 11.79 14.61
N GLY A 42 10.18 12.52 13.83
CA GLY A 42 11.61 12.28 13.80
C GLY A 42 12.02 11.06 12.97
N GLU A 43 11.09 10.42 12.28
CA GLU A 43 11.34 9.25 11.46
C GLU A 43 11.19 9.60 9.99
N THR A 44 12.11 9.12 9.12
CA THR A 44 11.96 9.39 7.69
C THR A 44 10.84 8.50 7.15
N ILE A 45 10.25 8.90 6.01
CA ILE A 45 9.19 8.13 5.40
C ILE A 45 9.67 6.71 5.09
N GLU A 46 10.88 6.58 4.49
CA GLU A 46 11.45 5.27 4.17
C GLU A 46 11.64 4.39 5.43
N ASP A 47 12.11 4.97 6.55
CA ASP A 47 12.26 4.18 7.77
C ASP A 47 10.92 3.74 8.30
N GLY A 48 9.92 4.63 8.20
CA GLY A 48 8.54 4.33 8.60
C GLY A 48 8.00 3.17 7.77
N ALA A 49 8.31 3.17 6.46
CA ALA A 49 7.85 2.11 5.56
C ALA A 49 8.48 0.75 5.97
N ARG A 50 9.82 0.74 6.24
CA ARG A 50 10.53 -0.50 6.65
C ARG A 50 9.96 -1.02 7.97
N ARG A 51 9.73 -0.09 8.93
CA ARG A 51 9.20 -0.43 10.24
C ARG A 51 7.81 -1.05 10.11
N GLU A 52 6.89 -0.41 9.35
CA GLU A 52 5.55 -0.95 9.18
C GLU A 52 5.52 -2.30 8.49
N LEU A 53 6.38 -2.48 7.49
CA LEU A 53 6.42 -3.76 6.78
C LEU A 53 6.73 -4.86 7.79
N GLN A 54 7.69 -4.64 8.69
CA GLN A 54 8.03 -5.65 9.71
C GLN A 54 6.89 -5.85 10.70
N GLU A 55 6.34 -4.77 11.25
CA GLU A 55 5.28 -4.85 12.24
C GLU A 55 4.05 -5.59 11.71
N GLU A 56 3.70 -5.33 10.45
CA GLU A 56 2.51 -5.89 9.85
C GLU A 56 2.68 -7.25 9.15
N SER A 57 3.86 -7.50 8.58
CA SER A 57 4.08 -8.75 7.83
C SER A 57 5.15 -9.68 8.43
N GLY A 58 5.99 -9.18 9.33
CA GLY A 58 7.09 -9.95 9.89
C GLY A 58 8.33 -9.95 9.01
N LEU A 59 8.25 -9.34 7.81
CA LEU A 59 9.39 -9.35 6.86
C LEU A 59 10.33 -8.21 7.09
N THR A 60 11.61 -8.48 6.83
CA THR A 60 12.68 -7.49 6.88
C THR A 60 13.01 -7.09 5.43
N VAL A 61 12.78 -5.83 5.09
CA VAL A 61 13.11 -5.41 3.71
C VAL A 61 14.55 -4.98 3.64
N ASP A 62 15.22 -5.41 2.57
CA ASP A 62 16.59 -5.00 2.33
C ASP A 62 16.49 -3.73 1.45
N ALA A 63 16.36 -3.86 0.13
CA ALA A 63 16.25 -2.67 -0.72
C ALA A 63 14.77 -2.27 -0.94
N LEU A 64 14.44 -0.98 -0.73
CA LEU A 64 13.08 -0.40 -0.93
C LEU A 64 13.18 0.64 -2.05
N HIS A 65 12.16 0.70 -2.92
CA HIS A 65 12.14 1.67 -4.01
C HIS A 65 10.86 2.47 -3.97
N LYS A 66 10.96 3.80 -4.13
CA LYS A 66 9.79 4.68 -4.21
C LYS A 66 9.10 4.41 -5.54
N VAL A 67 7.79 4.13 -5.50
CA VAL A 67 7.02 3.88 -6.71
C VAL A 67 5.87 4.86 -6.91
N GLY A 68 5.35 5.43 -5.85
CA GLY A 68 4.26 6.38 -6.07
C GLY A 68 3.89 7.25 -4.90
N GLN A 69 3.04 8.23 -5.17
CA GLN A 69 2.45 9.04 -4.13
C GLN A 69 0.98 9.12 -4.43
N ILE A 70 0.14 8.75 -3.44
CA ILE A 70 -1.33 8.82 -3.65
C ILE A 70 -1.97 9.58 -2.52
N VAL A 71 -2.75 10.62 -2.84
CA VAL A 71 -3.46 11.37 -1.83
C VAL A 71 -4.92 10.89 -1.78
N PHE A 72 -5.39 10.48 -0.60
CA PHE A 72 -6.79 10.07 -0.43
C PHE A 72 -7.58 11.12 0.32
N GLU A 73 -8.72 11.45 -0.23
CA GLU A 73 -9.66 12.34 0.40
C GLU A 73 -10.93 11.53 0.71
N PHE A 74 -11.44 11.62 1.95
CA PHE A 74 -12.72 11.04 2.34
C PHE A 74 -13.63 12.22 2.61
N VAL A 75 -14.71 12.37 1.82
CA VAL A 75 -15.63 13.50 1.98
C VAL A 75 -16.12 13.60 3.44
N GLY A 76 -15.96 14.76 4.04
CA GLY A 76 -16.34 14.95 5.44
C GLY A 76 -15.25 14.68 6.45
N GLU A 77 -14.11 14.13 6.01
CA GLU A 77 -12.95 13.87 6.88
C GLU A 77 -11.96 15.00 6.59
N PRO A 78 -11.56 15.78 7.60
CA PRO A 78 -10.65 16.90 7.34
C PRO A 78 -9.27 16.53 6.85
N GLU A 79 -8.72 15.42 7.35
CA GLU A 79 -7.36 15.07 6.97
C GLU A 79 -7.26 14.26 5.68
N LEU A 80 -6.39 14.73 4.77
CA LEU A 80 -6.06 13.98 3.57
C LEU A 80 -4.98 12.95 3.93
N MET A 81 -5.06 11.75 3.34
CA MET A 81 -4.00 10.74 3.57
C MET A 81 -2.98 10.90 2.47
N ASP A 82 -1.76 11.30 2.82
CA ASP A 82 -0.69 11.43 1.84
C ASP A 82 0.14 10.14 1.88
N VAL A 83 -0.18 9.25 0.97
CA VAL A 83 0.42 7.90 0.98
C VAL A 83 1.60 7.78 0.07
N HIS A 84 2.74 7.43 0.67
CA HIS A 84 3.99 7.19 -0.03
C HIS A 84 4.16 5.71 -0.27
N VAL A 85 4.08 5.32 -1.55
CA VAL A 85 4.07 3.92 -1.98
C VAL A 85 5.45 3.46 -2.32
N PHE A 86 5.80 2.26 -1.83
CA PHE A 86 7.11 1.67 -2.10
C PHE A 86 6.96 0.27 -2.54
N CYS A 87 8.00 -0.20 -3.24
CA CYS A 87 8.08 -1.57 -3.72
CA CYS A 87 8.11 -1.59 -3.72
CA CYS A 87 8.04 -1.61 -3.62
C CYS A 87 9.40 -2.21 -3.32
N THR A 88 9.40 -3.53 -3.12
CA THR A 88 10.62 -4.29 -2.85
C THR A 88 10.50 -5.66 -3.52
N ASP A 89 11.62 -6.24 -3.96
CA ASP A 89 11.64 -7.61 -4.43
C ASP A 89 12.59 -8.42 -3.53
N SER A 90 13.44 -7.69 -2.73
CA SER A 90 14.45 -8.26 -1.82
C SER A 90 14.04 -8.12 -0.35
N ILE A 91 13.61 -9.25 0.20
CA ILE A 91 13.12 -9.38 1.56
C ILE A 91 13.79 -10.56 2.25
N GLN A 92 13.72 -10.58 3.56
CA GLN A 92 14.19 -11.64 4.46
C GLN A 92 13.07 -12.01 5.40
N GLY A 93 12.98 -13.29 5.73
CA GLY A 93 11.96 -13.80 6.63
C GLY A 93 10.80 -14.41 5.88
N THR A 94 9.88 -14.98 6.62
CA THR A 94 8.66 -15.56 6.03
C THR A 94 7.52 -14.73 6.59
N PRO A 95 6.48 -14.45 5.77
CA PRO A 95 5.35 -13.66 6.27
C PRO A 95 4.67 -14.38 7.44
N VAL A 96 4.34 -13.61 8.44
CA VAL A 96 3.77 -14.03 9.73
C VAL A 96 2.30 -13.60 9.83
N GLU A 97 1.39 -14.54 10.16
CA GLU A 97 -0.01 -14.17 10.40
C GLU A 97 -0.11 -13.75 11.84
N SER A 98 -0.76 -12.61 12.07
CA SER A 98 -0.96 -12.14 13.44
C SER A 98 -2.43 -11.88 13.61
N ASP A 99 -2.79 -11.42 14.82
CA ASP A 99 -4.13 -10.98 15.22
CA ASP A 99 -4.19 -11.11 15.04
C ASP A 99 -4.58 -9.85 14.26
N GLU A 100 -3.63 -9.10 13.76
CA GLU A 100 -3.93 -7.93 12.94
C GLU A 100 -3.97 -8.16 11.43
N MET A 101 -3.23 -9.15 10.93
CA MET A 101 -3.07 -9.29 9.49
C MET A 101 -2.85 -10.72 9.08
N ARG A 102 -3.50 -11.14 7.97
CA ARG A 102 -3.33 -12.48 7.41
C ARG A 102 -2.61 -12.36 6.03
N PRO A 103 -1.27 -12.53 5.96
CA PRO A 103 -0.57 -12.41 4.66
C PRO A 103 -0.74 -13.62 3.73
N CYS A 104 -0.83 -13.35 2.43
CA CYS A 104 -0.97 -14.36 1.40
CA CYS A 104 -0.99 -14.38 1.38
C CYS A 104 -0.28 -13.90 0.12
N TRP A 105 0.38 -14.82 -0.57
CA TRP A 105 1.02 -14.53 -1.85
C TRP A 105 -0.03 -14.71 -2.94
N PHE A 106 -0.08 -13.78 -3.92
CA PHE A 106 -0.98 -13.87 -5.06
C PHE A 106 -0.20 -13.89 -6.34
N GLN A 107 -0.57 -14.79 -7.26
CA GLN A 107 0.03 -14.80 -8.60
C GLN A 107 -0.47 -13.51 -9.24
N LEU A 108 0.33 -12.89 -10.11
CA LEU A 108 0.01 -11.57 -10.68
C LEU A 108 -1.32 -11.52 -11.44
N ASP A 109 -1.72 -12.61 -12.11
CA ASP A 109 -3.01 -12.63 -12.82
C ASP A 109 -4.18 -12.97 -11.94
N GLN A 110 -3.92 -13.17 -10.63
CA GLN A 110 -4.96 -13.54 -9.67
C GLN A 110 -5.04 -12.54 -8.51
N ILE A 111 -4.65 -11.27 -8.75
CA ILE A 111 -4.75 -10.22 -7.72
C ILE A 111 -6.25 -9.99 -7.40
N PRO A 112 -6.63 -10.10 -6.11
CA PRO A 112 -8.06 -10.09 -5.74
C PRO A 112 -8.68 -8.70 -5.67
N PHE A 113 -8.76 -8.01 -6.80
CA PHE A 113 -9.26 -6.63 -6.85
C PHE A 113 -10.65 -6.42 -6.24
N LYS A 114 -11.52 -7.42 -6.33
CA LYS A 114 -12.88 -7.30 -5.77
C LYS A 114 -12.86 -7.17 -4.23
N ASP A 115 -11.80 -7.68 -3.58
CA ASP A 115 -11.63 -7.66 -2.12
C ASP A 115 -10.50 -6.73 -1.72
N MET A 116 -10.27 -5.67 -2.52
CA MET A 116 -9.23 -4.68 -2.28
C MET A 116 -9.87 -3.30 -2.35
N TRP A 117 -9.15 -2.26 -1.89
CA TRP A 117 -9.69 -0.92 -2.01
C TRP A 117 -9.90 -0.67 -3.50
N PRO A 118 -10.99 0.04 -3.85
CA PRO A 118 -11.31 0.27 -5.27
C PRO A 118 -10.25 0.95 -6.11
N ASP A 119 -9.44 1.85 -5.50
CA ASP A 119 -8.41 2.57 -6.25
C ASP A 119 -7.28 1.66 -6.72
N ASP A 120 -7.08 0.50 -6.05
CA ASP A 120 -6.00 -0.41 -6.48
C ASP A 120 -6.15 -0.86 -7.95
N SER A 121 -7.37 -1.06 -8.43
CA SER A 121 -7.60 -1.46 -9.83
C SER A 121 -7.03 -0.43 -10.81
N TYR A 122 -6.90 0.85 -10.34
CA TYR A 122 -6.40 1.96 -11.15
C TYR A 122 -4.88 2.00 -11.25
N TRP A 123 -4.20 1.89 -10.10
CA TRP A 123 -2.75 2.06 -10.09
C TRP A 123 -1.94 0.76 -10.06
N PHE A 124 -2.54 -0.40 -9.66
CA PHE A 124 -1.77 -1.68 -9.74
C PHE A 124 -1.27 -1.94 -11.14
N PRO A 125 -2.05 -1.73 -12.22
CA PRO A 125 -1.51 -1.95 -13.58
C PRO A 125 -0.18 -1.20 -13.80
N LEU A 126 -0.03 0.00 -13.19
CA LEU A 126 1.21 0.77 -13.34
C LEU A 126 2.32 0.17 -12.52
N LEU A 127 2.01 -0.22 -11.28
CA LEU A 127 2.95 -0.82 -10.36
C LEU A 127 3.50 -2.11 -11.00
N LEU A 128 2.64 -2.91 -11.65
CA LEU A 128 3.05 -4.18 -12.25
C LEU A 128 3.98 -4.04 -13.45
N GLN A 129 3.92 -2.88 -14.11
CA GLN A 129 4.74 -2.59 -15.27
C GLN A 129 5.93 -1.69 -14.92
N LYS A 130 6.23 -1.58 -13.61
CA LYS A 130 7.40 -0.83 -13.09
C LYS A 130 7.30 0.66 -13.40
N LYS A 131 6.08 1.18 -13.41
CA LYS A 131 5.85 2.59 -13.64
C LYS A 131 5.71 3.31 -12.31
N LYS A 132 6.06 4.60 -12.30
CA LYS A 132 5.92 5.43 -11.11
C LYS A 132 4.73 6.35 -11.31
N PHE A 133 4.08 6.79 -10.21
CA PHE A 133 2.87 7.58 -10.40
C PHE A 133 2.55 8.54 -9.29
N HIS A 134 1.70 9.52 -9.61
CA HIS A 134 1.12 10.43 -8.64
C HIS A 134 -0.37 10.25 -8.82
N GLY A 135 -1.07 10.00 -7.72
CA GLY A 135 -2.52 9.83 -7.78
C GLY A 135 -3.27 10.58 -6.69
N TYR A 136 -4.58 10.86 -6.93
CA TYR A 136 -5.46 11.50 -5.98
C TYR A 136 -6.81 10.83 -6.16
N PHE A 137 -7.41 10.33 -5.08
CA PHE A 137 -8.73 9.67 -5.12
C PHE A 137 -9.61 10.28 -4.06
N LYS A 138 -10.78 10.76 -4.48
CA LYS A 138 -11.80 11.33 -3.60
C LYS A 138 -12.85 10.25 -3.39
N PHE A 139 -13.03 9.81 -2.16
CA PHE A 139 -13.99 8.76 -1.80
C PHE A 139 -15.20 9.30 -1.05
N GLN A 140 -16.34 8.63 -1.21
CA GLN A 140 -17.51 8.86 -0.39
C GLN A 140 -17.66 7.54 0.35
N GLY A 141 -17.38 7.55 1.65
CA GLY A 141 -17.33 6.32 2.42
C GLY A 141 -16.13 5.49 1.98
N GLN A 142 -16.18 4.17 2.15
CA GLN A 142 -14.99 3.39 1.76
C GLN A 142 -15.13 2.62 0.44
N ASP A 143 -16.26 2.79 -0.27
CA ASP A 143 -16.49 1.99 -1.48
C ASP A 143 -16.63 2.76 -2.76
N THR A 144 -16.93 4.04 -2.68
CA THR A 144 -17.22 4.83 -3.88
C THR A 144 -16.14 5.84 -4.19
N ILE A 145 -15.61 5.80 -5.43
CA ILE A 145 -14.64 6.79 -5.86
C ILE A 145 -15.49 7.85 -6.56
N LEU A 146 -15.56 9.06 -5.99
CA LEU A 146 -16.34 10.13 -6.63
C LEU A 146 -15.58 10.69 -7.86
N ASP A 147 -14.26 10.88 -7.72
CA ASP A 147 -13.41 11.39 -8.78
C ASP A 147 -11.95 11.08 -8.45
N TYR A 148 -11.10 11.16 -9.44
CA TYR A 148 -9.69 10.85 -9.22
C TYR A 148 -8.86 11.44 -10.30
N THR A 149 -7.54 11.45 -10.08
CA THR A 149 -6.54 11.77 -11.10
C THR A 149 -5.43 10.77 -10.88
N LEU A 150 -4.75 10.37 -11.95
CA LEU A 150 -3.64 9.46 -11.87
C LEU A 150 -2.78 9.70 -13.08
N ARG A 151 -1.52 10.00 -12.86
CA ARG A 151 -0.58 10.23 -13.96
C ARG A 151 0.74 9.56 -13.67
N GLU A 152 1.43 9.13 -14.73
CA GLU A 152 2.74 8.49 -14.58
C GLU A 152 3.76 9.60 -14.45
N VAL A 153 4.82 9.35 -13.70
CA VAL A 153 5.89 10.30 -13.46
C VAL A 153 7.26 9.65 -13.58
N ASP A 154 8.30 10.47 -13.82
CA ASP A 154 9.69 9.96 -13.84
C ASP A 154 10.25 9.91 -12.42
N THR A 155 9.87 10.88 -11.58
CA THR A 155 10.32 10.95 -10.18
C THR A 155 9.14 11.08 -9.28
N VAL A 156 9.12 10.26 -8.24
CA VAL A 156 8.06 10.28 -7.27
C VAL A 156 8.17 11.56 -6.41
C ACT B . 2.28 -17.64 3.72
O ACT B . 3.06 -16.72 3.83
OXT ACT B . 2.14 -18.29 2.68
CH3 ACT B . 1.45 -17.99 4.97
O10 N91 C . -3.13 -1.64 0.26
C10 N91 C . -3.31 -1.38 -0.93
C11 N91 C . -2.80 -2.27 -2.01
N5 N91 C . -3.94 -0.24 -1.36
C5 N91 C . -4.68 0.69 -0.59
C4 N91 C . -5.65 1.47 -1.24
C9 N91 C . -6.35 2.43 -0.53
N3 N91 C . -7.41 3.27 -0.91
C2 N91 C . -7.68 3.95 0.18
N1 N91 C . -6.99 3.57 1.27
C1 N91 C . -7.07 4.12 2.61
C8 N91 C . -6.08 2.61 0.82
C7 N91 C . -5.14 1.85 1.50
C6 N91 C . -4.39 0.94 0.77
S DMS D . -1.48 2.77 5.37
O DMS D . -1.84 3.51 4.15
C1 DMS D . -1.62 1.11 4.83
C2 DMS D . -2.88 2.88 6.42
S DMS E . -6.85 11.18 -15.19
O DMS E . -5.89 11.65 -14.17
C1 DMS E . -8.44 10.92 -14.45
C2 DMS E . -6.41 9.51 -15.49
S DMS F . 14.56 4.77 -5.49
O DMS F . 13.41 4.95 -4.61
C1 DMS F . 14.13 3.61 -6.74
C2 DMS F . 15.68 3.73 -4.56
#